data_6D16
#
_entry.id   6D16
#
_cell.length_a   56.560
_cell.length_b   59.520
_cell.length_c   77.730
_cell.angle_alpha   90.000
_cell.angle_beta   90.000
_cell.angle_gamma   90.000
#
_symmetry.space_group_name_H-M   'P 2 21 21'
#
loop_
_entity.id
_entity.type
_entity.pdbx_description
1 polymer 'Carbapenem-hydrolyzing beta-lactamase KPC'
2 non-polymer '[(7-methoxy-2-oxo-2H-1-benzopyran-4-yl)methyl]phosphonic acid'
3 non-polymer GLYCEROL
4 water water
#
_entity_poly.entity_id   1
_entity_poly.type   'polypeptide(L)'
_entity_poly.pdbx_seq_one_letter_code
;MGSSHHHHHHSSGLVPRGSHMLTNLVAEPFAKLEQDFGGSIGVYAMDTGSGATVSYRAEERFPLCSSFKGFLAAAVLARS
QQQAGLLDTPIRYGKNALVPWSPISEKYLTTGMTVAELSAAAVQYSDNAAANLLLKELGGPAGLTAFMRSIGDTTFRLDR
WELELNSAIPGDARDTSSPRAVTESLQKLTLGSALAAPQRQQFVDWLKGNTTGNHRIRAAVPADWAVGDKTGTCGVYGTA
NDYAVVWPTGRAPIVLAVYTRAPNKDDKHSEAVIAAAARLALEGLGVNGQ
;
_entity_poly.pdbx_strand_id   A
#
loop_
_chem_comp.id
_chem_comp.type
_chem_comp.name
_chem_comp.formula
FUJ non-polymer '[(7-methoxy-2-oxo-2H-1-benzopyran-4-yl)methyl]phosphonic acid' 'C11 H11 O6 P'
GOL non-polymer GLYCEROL 'C3 H8 O3'
#
# COMPACT_ATOMS: atom_id res chain seq x y z
N HIS A 20 6.12 -23.93 -4.30
CA HIS A 20 5.69 -23.88 -5.69
C HIS A 20 4.28 -24.46 -5.87
N MET A 21 3.85 -25.28 -4.91
CA MET A 21 2.60 -26.02 -5.04
C MET A 21 1.41 -25.07 -5.09
N LEU A 22 1.28 -24.18 -4.11
CA LEU A 22 0.14 -23.28 -4.07
C LEU A 22 0.15 -22.29 -5.24
N THR A 23 1.33 -21.91 -5.73
CA THR A 23 1.41 -20.99 -6.85
C THR A 23 0.86 -21.62 -8.13
N ASN A 24 1.24 -22.87 -8.40
CA ASN A 24 0.69 -23.56 -9.57
C ASN A 24 -0.80 -23.82 -9.42
N LEU A 25 -1.29 -23.94 -8.18
CA LEU A 25 -2.71 -24.16 -7.94
C LEU A 25 -3.57 -23.05 -8.53
N VAL A 26 -3.07 -21.82 -8.57
CA VAL A 26 -3.86 -20.67 -8.97
C VAL A 26 -3.33 -19.99 -10.24
N ALA A 27 -2.34 -20.58 -10.91
CA ALA A 27 -1.74 -19.92 -12.07
C ALA A 27 -2.75 -19.71 -13.18
N GLU A 28 -3.53 -20.75 -13.50
CA GLU A 28 -4.52 -20.63 -14.57
C GLU A 28 -5.60 -19.61 -14.28
N PRO A 29 -6.30 -19.64 -13.14
CA PRO A 29 -7.30 -18.59 -12.88
C PRO A 29 -6.76 -17.18 -12.89
N PHE A 30 -5.51 -16.98 -12.47
CA PHE A 30 -4.93 -15.63 -12.52
C PHE A 30 -4.72 -15.17 -13.95
N ALA A 31 -4.25 -16.07 -14.82
CA ALA A 31 -4.04 -15.71 -16.22
C ALA A 31 -5.36 -15.33 -16.87
N LYS A 32 -6.43 -16.07 -16.58
CA LYS A 32 -7.74 -15.74 -17.13
C LYS A 32 -8.23 -14.40 -16.61
N LEU A 33 -8.03 -14.14 -15.31
CA LEU A 33 -8.49 -12.87 -14.74
C LEU A 33 -7.79 -11.68 -15.37
N GLU A 34 -6.47 -11.76 -15.54
CA GLU A 34 -5.76 -10.62 -16.09
C GLU A 34 -6.03 -10.44 -17.58
N GLN A 35 -6.32 -11.53 -18.28
CA GLN A 35 -6.68 -11.42 -19.69
C GLN A 35 -8.04 -10.74 -19.86
N ASP A 36 -9.00 -11.10 -19.00
CA ASP A 36 -10.28 -10.40 -19.02
C ASP A 36 -10.11 -8.93 -18.66
N PHE A 37 -9.22 -8.65 -17.70
CA PHE A 37 -8.94 -7.27 -17.32
C PHE A 37 -8.26 -6.50 -18.45
N GLY A 38 -7.43 -7.18 -19.25
CA GLY A 38 -6.73 -6.53 -20.33
C GLY A 38 -5.40 -5.95 -19.95
N GLY A 39 -4.76 -6.47 -18.92
CA GLY A 39 -3.48 -5.95 -18.49
C GLY A 39 -2.73 -7.00 -17.72
N SER A 40 -1.97 -6.53 -16.75
CA SER A 40 -1.14 -7.40 -15.91
C SER A 40 -1.57 -7.25 -14.46
N ILE A 41 -1.67 -8.39 -13.78
CA ILE A 41 -1.99 -8.44 -12.35
C ILE A 41 -0.81 -9.06 -11.63
N GLY A 42 -0.35 -8.42 -10.57
CA GLY A 42 0.72 -8.94 -9.74
C GLY A 42 0.25 -9.18 -8.32
N VAL A 43 0.49 -10.39 -7.82
CA VAL A 43 -0.01 -10.79 -6.51
C VAL A 43 1.08 -11.55 -5.76
N TYR A 44 1.23 -11.23 -4.48
CA TYR A 44 2.00 -12.06 -3.57
C TYR A 44 1.22 -12.12 -2.27
N ALA A 45 0.95 -13.33 -1.81
CA ALA A 45 0.21 -13.53 -0.58
C ALA A 45 0.96 -14.51 0.29
N MET A 46 1.05 -14.21 1.58
CA MET A 46 1.83 -14.99 2.52
C MET A 46 0.95 -15.39 3.70
N ASP A 47 0.90 -16.69 3.97
CA ASP A 47 0.27 -17.19 5.18
C ASP A 47 1.34 -17.17 6.26
N THR A 48 1.18 -16.29 7.25
CA THR A 48 2.26 -16.13 8.23
C THR A 48 2.34 -17.30 9.21
N GLY A 49 1.35 -18.19 9.23
CA GLY A 49 1.43 -19.36 10.06
C GLY A 49 2.31 -20.44 9.46
N SER A 50 1.89 -20.99 8.32
CA SER A 50 2.63 -22.05 7.67
C SER A 50 3.81 -21.55 6.87
N GLY A 51 3.81 -20.27 6.48
CA GLY A 51 4.79 -19.76 5.55
C GLY A 51 4.46 -20.00 4.10
N ALA A 52 3.33 -20.63 3.81
CA ALA A 52 2.94 -20.87 2.42
C ALA A 52 2.70 -19.54 1.71
N THR A 53 3.02 -19.52 0.42
CA THR A 53 2.89 -18.31 -0.37
C THR A 53 2.22 -18.61 -1.70
N VAL A 54 1.59 -17.59 -2.25
CA VAL A 54 1.00 -17.60 -3.59
C VAL A 54 1.60 -16.44 -4.35
N SER A 55 2.14 -16.71 -5.54
CA SER A 55 2.78 -15.70 -6.36
C SER A 55 2.19 -15.71 -7.77
N TYR A 56 1.93 -14.51 -8.31
CA TYR A 56 1.62 -14.36 -9.72
C TYR A 56 2.21 -13.02 -10.15
N ARG A 57 3.20 -13.06 -11.04
CA ARG A 57 3.95 -11.85 -11.43
C ARG A 57 4.49 -11.12 -10.20
N ALA A 58 4.87 -11.87 -9.17
CA ALA A 58 5.19 -11.28 -7.87
C ALA A 58 6.51 -10.53 -7.86
N GLU A 59 7.39 -10.76 -8.83
CA GLU A 59 8.67 -10.06 -8.89
C GLU A 59 8.70 -8.95 -9.93
N GLU A 60 7.62 -8.74 -10.66
CA GLU A 60 7.55 -7.62 -11.60
C GLU A 60 7.34 -6.31 -10.85
N ARG A 61 7.86 -5.23 -11.42
CA ARG A 61 7.63 -3.90 -10.86
C ARG A 61 6.28 -3.38 -11.31
N PHE A 62 5.58 -2.75 -10.37
CA PHE A 62 4.34 -2.05 -10.63
C PHE A 62 4.44 -0.69 -9.96
N PRO A 63 3.80 0.34 -10.53
CA PRO A 63 3.80 1.65 -9.87
C PRO A 63 3.14 1.56 -8.49
N LEU A 64 3.75 2.25 -7.53
CA LEU A 64 3.20 2.31 -6.17
C LEU A 64 1.92 3.14 -6.10
N CYS A 65 1.84 4.23 -6.87
CA CYS A 65 0.76 5.18 -6.70
C CYS A 65 0.66 5.54 -5.22
N SER A 66 -0.55 5.70 -4.70
CA SER A 66 -0.67 6.13 -3.31
C SER A 66 -0.21 5.09 -2.30
N SER A 67 0.08 3.86 -2.73
CA SER A 67 0.41 2.83 -1.74
C SER A 67 1.68 3.14 -0.97
N PHE A 68 2.54 4.02 -1.49
CA PHE A 68 3.72 4.42 -0.73
C PHE A 68 3.35 5.14 0.56
N LYS A 69 2.13 5.71 0.64
CA LYS A 69 1.74 6.50 1.81
C LYS A 69 1.66 5.67 3.08
N GLY A 70 1.32 4.37 2.95
CA GLY A 70 1.40 3.50 4.10
C GLY A 70 2.81 3.39 4.63
N PHE A 71 3.76 3.11 3.74
CA PHE A 71 5.16 3.01 4.15
C PHE A 71 5.69 4.34 4.66
N LEU A 72 5.19 5.45 4.09
CA LEU A 72 5.54 6.78 4.57
C LEU A 72 5.17 6.96 6.04
N ALA A 73 3.94 6.57 6.41
CA ALA A 73 3.53 6.68 7.81
C ALA A 73 4.35 5.76 8.70
N ALA A 74 4.69 4.57 8.22
CA ALA A 74 5.55 3.68 8.99
C ALA A 74 6.92 4.31 9.23
N ALA A 75 7.45 5.00 8.20
CA ALA A 75 8.74 5.68 8.35
C ALA A 75 8.65 6.81 9.37
N VAL A 76 7.53 7.53 9.39
CA VAL A 76 7.30 8.56 10.41
C VAL A 76 7.28 7.92 11.80
N LEU A 77 6.55 6.82 11.93
CA LEU A 77 6.48 6.13 13.22
C LEU A 77 7.85 5.64 13.68
N ALA A 78 8.65 5.12 12.74
CA ALA A 78 10.00 4.68 13.08
C ALA A 78 10.84 5.83 13.61
N ARG A 79 10.76 6.98 12.94
CA ARG A 79 11.48 8.16 13.44
C ARG A 79 10.96 8.60 14.79
N SER A 80 9.65 8.43 15.04
CA SER A 80 9.08 8.84 16.31
C SER A 80 9.61 8.04 17.49
N GLN A 81 10.17 6.86 17.23
CA GLN A 81 10.79 6.09 18.30
C GLN A 81 12.04 6.78 18.83
N GLN A 82 12.74 7.54 18.00
CA GLN A 82 13.95 8.25 18.40
C GLN A 82 13.73 9.74 18.64
N GLN A 83 12.68 10.32 18.06
CA GLN A 83 12.32 11.72 18.26
C GLN A 83 11.01 11.74 19.04
N ALA A 84 11.11 11.74 20.37
CA ALA A 84 9.91 11.88 21.19
C ALA A 84 9.25 13.21 20.88
N GLY A 85 7.92 13.20 20.79
CA GLY A 85 7.18 14.38 20.45
C GLY A 85 7.10 14.72 18.98
N LEU A 86 7.68 13.90 18.10
CA LEU A 86 7.56 14.14 16.67
C LEU A 86 6.10 14.11 16.24
N LEU A 87 5.33 13.13 16.73
CA LEU A 87 3.96 12.96 16.26
C LEU A 87 3.07 14.14 16.63
N ASP A 88 3.39 14.84 17.72
CA ASP A 88 2.58 15.95 18.20
C ASP A 88 2.95 17.29 17.58
N THR A 89 3.94 17.32 16.70
CA THR A 89 4.42 18.59 16.17
C THR A 89 3.40 19.18 15.19
N PRO A 90 3.00 20.42 15.37
CA PRO A 90 2.11 21.06 14.39
C PRO A 90 2.85 21.48 13.13
N ILE A 91 2.21 21.23 11.99
CA ILE A 91 2.72 21.58 10.68
C ILE A 91 1.75 22.57 10.06
N ARG A 92 2.25 23.76 9.73
CA ARG A 92 1.45 24.74 9.03
C ARG A 92 1.83 24.74 7.55
N TYR A 93 0.85 25.01 6.70
CA TYR A 93 1.06 24.92 5.27
C TYR A 93 0.22 25.97 4.54
N GLY A 94 0.64 26.29 3.34
CA GLY A 94 -0.04 27.22 2.49
C GLY A 94 -0.97 26.61 1.47
N LYS A 95 -1.76 27.43 0.87
CA LYS A 95 -2.66 26.99 -0.12
C LYS A 95 -1.96 26.25 -1.27
N ASN A 96 -0.76 26.68 -1.57
CA ASN A 96 -0.01 26.05 -2.64
C ASN A 96 0.31 24.59 -2.34
N ALA A 97 0.22 24.15 -1.08
CA ALA A 97 0.44 22.75 -0.77
C ALA A 97 -0.74 21.87 -1.14
N LEU A 98 -1.92 22.46 -1.35
CA LEU A 98 -3.16 21.69 -1.52
C LEU A 98 -3.31 21.25 -2.98
N VAL A 99 -2.71 20.11 -3.30
CA VAL A 99 -2.81 19.51 -4.63
C VAL A 99 -4.09 18.68 -4.67
N PRO A 100 -4.56 18.26 -5.85
CA PRO A 100 -5.81 17.49 -5.92
C PRO A 100 -5.81 16.29 -4.98
N TRP A 101 -7.00 15.98 -4.44
CA TRP A 101 -7.22 14.89 -3.50
C TRP A 101 -6.44 15.11 -2.20
N SER A 102 -6.80 16.19 -1.52
CA SER A 102 -6.33 16.48 -0.18
C SER A 102 -7.55 16.73 0.70
N PRO A 103 -8.39 15.71 0.89
CA PRO A 103 -9.71 15.94 1.48
C PRO A 103 -9.67 16.29 2.95
N ILE A 104 -8.67 15.82 3.70
CA ILE A 104 -8.54 16.23 5.10
C ILE A 104 -7.76 17.53 5.23
N SER A 105 -6.58 17.61 4.61
CA SER A 105 -5.72 18.77 4.84
C SER A 105 -6.35 20.07 4.35
N GLU A 106 -7.22 20.00 3.35
CA GLU A 106 -7.88 21.23 2.90
C GLU A 106 -8.79 21.82 3.96
N LYS A 107 -9.28 20.99 4.90
N LYS A 107 -9.28 20.99 4.89
CA LYS A 107 -10.16 21.46 5.96
CA LYS A 107 -10.16 21.46 5.97
C LYS A 107 -9.42 22.06 7.14
C LYS A 107 -9.40 22.12 7.11
N TYR A 108 -8.09 21.95 7.16
CA TYR A 108 -7.26 22.49 8.23
C TYR A 108 -6.20 23.45 7.69
N LEU A 109 -6.39 23.91 6.45
CA LEU A 109 -5.46 24.87 5.86
C LEU A 109 -5.24 26.09 6.74
N THR A 110 -6.32 26.61 7.33
CA THR A 110 -6.24 27.81 8.15
C THR A 110 -5.77 27.54 9.56
N THR A 111 -5.53 26.28 9.93
CA THR A 111 -5.16 25.92 11.29
C THR A 111 -3.86 25.13 11.41
N GLY A 112 -3.48 24.37 10.38
CA GLY A 112 -2.42 23.39 10.51
C GLY A 112 -2.94 22.06 11.05
N MET A 113 -2.07 21.06 10.98
CA MET A 113 -2.35 19.72 11.48
C MET A 113 -1.06 19.17 12.10
N THR A 114 -1.22 18.21 13.02
CA THR A 114 -0.03 17.57 13.57
C THR A 114 0.54 16.52 12.62
N VAL A 115 1.79 16.13 12.88
CA VAL A 115 2.42 15.07 12.09
C VAL A 115 1.59 13.79 12.15
N ALA A 116 1.11 13.42 13.34
CA ALA A 116 0.26 12.23 13.46
C ALA A 116 -1.03 12.38 12.67
N GLU A 117 -1.63 13.57 12.69
CA GLU A 117 -2.87 13.77 11.92
C GLU A 117 -2.59 13.70 10.43
N LEU A 118 -1.47 14.26 9.98
CA LEU A 118 -1.08 14.14 8.58
C LEU A 118 -0.87 12.69 8.19
N SER A 119 -0.24 11.90 9.08
CA SER A 119 0.00 10.49 8.80
C SER A 119 -1.30 9.72 8.69
N ALA A 120 -2.22 9.96 9.64
CA ALA A 120 -3.53 9.31 9.56
C ALA A 120 -4.26 9.69 8.28
N ALA A 121 -4.19 10.98 7.89
CA ALA A 121 -4.88 11.42 6.69
C ALA A 121 -4.25 10.79 5.44
N ALA A 122 -2.92 10.71 5.41
CA ALA A 122 -2.23 10.05 4.32
C ALA A 122 -2.61 8.57 4.19
N VAL A 123 -2.70 7.86 5.33
CA VAL A 123 -3.04 6.44 5.28
C VAL A 123 -4.52 6.24 5.00
N GLN A 124 -5.39 6.95 5.73
CA GLN A 124 -6.81 6.61 5.77
C GLN A 124 -7.64 7.34 4.74
N TYR A 125 -7.14 8.44 4.20
CA TYR A 125 -7.84 9.16 3.14
C TYR A 125 -6.97 9.35 1.91
N SER A 126 -5.76 8.84 1.92
CA SER A 126 -4.78 8.95 0.81
C SER A 126 -4.46 10.44 0.51
N ASP A 127 -4.54 11.27 1.55
CA ASP A 127 -4.40 12.71 1.38
C ASP A 127 -3.06 13.08 0.74
N ASN A 128 -3.12 13.74 -0.41
CA ASN A 128 -1.91 14.03 -1.18
C ASN A 128 -1.07 15.14 -0.56
N ALA A 129 -1.70 16.25 -0.16
CA ALA A 129 -0.94 17.30 0.49
C ALA A 129 -0.28 16.77 1.75
N ALA A 130 -1.00 15.95 2.53
CA ALA A 130 -0.42 15.37 3.73
C ALA A 130 0.79 14.50 3.40
N ALA A 131 0.66 13.67 2.36
CA ALA A 131 1.79 12.82 1.95
C ALA A 131 3.00 13.65 1.59
N ASN A 132 2.81 14.71 0.80
CA ASN A 132 3.93 15.56 0.39
C ASN A 132 4.55 16.26 1.59
N LEU A 133 3.72 16.73 2.53
CA LEU A 133 4.26 17.39 3.73
C LEU A 133 5.11 16.42 4.54
N LEU A 134 4.66 15.17 4.68
CA LEU A 134 5.42 14.19 5.44
C LEU A 134 6.67 13.76 4.68
N LEU A 135 6.58 13.66 3.36
CA LEU A 135 7.77 13.37 2.56
C LEU A 135 8.85 14.41 2.81
N LYS A 136 8.46 15.69 2.86
CA LYS A 136 9.41 16.75 3.14
C LYS A 136 10.11 16.53 4.47
N GLU A 137 9.34 16.14 5.50
CA GLU A 137 9.95 15.93 6.82
C GLU A 137 10.97 14.80 6.82
N LEU A 138 10.80 13.82 5.95
CA LEU A 138 11.70 12.66 5.90
C LEU A 138 12.87 12.85 4.96
N GLY A 139 12.98 14.00 4.30
CA GLY A 139 14.03 14.20 3.33
C GLY A 139 13.68 13.81 1.91
N GLY A 140 12.39 13.77 1.58
CA GLY A 140 11.96 13.51 0.22
C GLY A 140 11.88 12.03 -0.12
N PRO A 141 11.60 11.75 -1.39
CA PRO A 141 11.56 10.35 -1.87
C PRO A 141 12.77 9.52 -1.49
N ALA A 142 13.97 10.09 -1.55
CA ALA A 142 15.16 9.32 -1.18
C ALA A 142 15.16 8.96 0.30
N GLY A 143 14.61 9.82 1.15
CA GLY A 143 14.51 9.50 2.56
C GLY A 143 13.59 8.35 2.85
N LEU A 144 12.43 8.30 2.17
CA LEU A 144 11.55 7.14 2.32
C LEU A 144 12.21 5.88 1.77
N THR A 145 12.87 6.00 0.62
CA THR A 145 13.59 4.84 0.08
C THR A 145 14.64 4.35 1.07
N ALA A 146 15.36 5.28 1.71
CA ALA A 146 16.35 4.91 2.70
C ALA A 146 15.72 4.13 3.86
N PHE A 147 14.54 4.55 4.31
CA PHE A 147 13.88 3.80 5.37
C PHE A 147 13.56 2.38 4.93
N MET A 148 13.05 2.22 3.70
CA MET A 148 12.75 0.89 3.21
C MET A 148 14.02 0.04 3.10
N ARG A 149 15.13 0.64 2.63
CA ARG A 149 16.40 -0.10 2.65
C ARG A 149 16.76 -0.53 4.06
N SER A 150 16.46 0.30 5.07
CA SER A 150 16.86 0.00 6.43
C SER A 150 16.13 -1.20 7.01
N ILE A 151 14.98 -1.56 6.46
CA ILE A 151 14.27 -2.76 6.90
C ILE A 151 14.52 -3.95 6.00
N GLY A 152 15.44 -3.83 5.04
CA GLY A 152 15.83 -4.94 4.18
C GLY A 152 15.13 -5.01 2.84
N ASP A 153 14.40 -3.97 2.44
CA ASP A 153 13.73 -3.94 1.15
C ASP A 153 14.67 -3.29 0.13
N THR A 154 15.21 -4.09 -0.78
CA THR A 154 16.09 -3.58 -1.84
C THR A 154 15.36 -3.32 -3.14
N THR A 155 14.04 -3.52 -3.18
CA THR A 155 13.26 -3.37 -4.39
C THR A 155 12.54 -2.02 -4.45
N PHE A 156 11.92 -1.61 -3.35
CA PHE A 156 11.17 -0.36 -3.27
C PHE A 156 12.01 0.82 -3.77
N ARG A 157 11.41 1.66 -4.59
CA ARG A 157 12.02 2.96 -4.86
C ARG A 157 10.93 4.01 -5.03
N LEU A 158 11.05 5.11 -4.29
CA LEU A 158 10.26 6.30 -4.54
C LEU A 158 11.20 7.35 -5.08
N ASP A 159 10.76 8.04 -6.13
CA ASP A 159 11.60 8.95 -6.88
C ASP A 159 11.01 10.35 -6.95
N ARG A 160 9.69 10.47 -6.91
CA ARG A 160 9.00 11.72 -7.17
C ARG A 160 7.96 11.95 -6.07
N TRP A 161 7.25 13.08 -6.18
CA TRP A 161 6.24 13.51 -5.23
C TRP A 161 4.85 13.40 -5.84
N GLU A 162 3.82 13.62 -5.03
CA GLU A 162 2.47 13.71 -5.57
C GLU A 162 2.32 15.05 -6.28
N LEU A 163 1.77 15.06 -7.51
CA LEU A 163 1.16 13.92 -8.17
C LEU A 163 2.01 13.36 -9.30
N GLU A 164 3.23 13.87 -9.48
CA GLU A 164 4.05 13.42 -10.61
C GLU A 164 4.33 11.91 -10.56
N LEU A 165 4.35 11.32 -9.36
CA LEU A 165 4.67 9.90 -9.25
C LEU A 165 3.59 8.99 -9.81
N ASN A 166 2.45 9.54 -10.24
CA ASN A 166 1.37 8.73 -10.78
C ASN A 166 1.51 8.42 -12.26
N SER A 167 2.61 8.83 -12.91
CA SER A 167 2.67 8.75 -14.38
C SER A 167 2.56 7.31 -14.89
N ALA A 168 3.08 6.35 -14.13
CA ALA A 168 2.85 4.92 -14.40
C ALA A 168 3.28 4.52 -15.81
N ILE A 169 4.38 5.12 -16.28
CA ILE A 169 4.82 4.92 -17.66
C ILE A 169 5.28 3.47 -17.84
N PRO A 170 4.83 2.77 -18.87
CA PRO A 170 5.28 1.39 -19.07
C PRO A 170 6.80 1.29 -19.17
N GLY A 171 7.36 0.38 -18.38
CA GLY A 171 8.78 0.15 -18.35
C GLY A 171 9.57 1.05 -17.42
N ASP A 172 8.94 2.08 -16.85
CA ASP A 172 9.63 3.04 -16.00
C ASP A 172 9.71 2.47 -14.58
N ALA A 173 10.93 2.32 -14.06
CA ALA A 173 11.10 1.81 -12.71
C ALA A 173 10.89 2.86 -11.62
N ARG A 174 10.81 4.14 -11.96
CA ARG A 174 10.59 5.15 -10.92
C ARG A 174 9.30 4.88 -10.17
N ASP A 175 9.34 5.05 -8.84
CA ASP A 175 8.13 5.00 -8.02
C ASP A 175 7.41 3.66 -8.16
N THR A 176 8.20 2.58 -8.08
CA THR A 176 7.65 1.23 -8.20
C THR A 176 8.19 0.34 -7.08
N SER A 177 7.52 -0.78 -6.92
CA SER A 177 8.07 -1.91 -6.19
C SER A 177 7.46 -3.17 -6.78
N SER A 178 7.76 -4.31 -6.17
CA SER A 178 7.15 -5.55 -6.61
C SER A 178 6.14 -6.02 -5.56
N PRO A 179 5.13 -6.79 -5.97
CA PRO A 179 4.18 -7.33 -4.98
C PRO A 179 4.86 -8.10 -3.86
N ARG A 180 5.88 -8.89 -4.18
N ARG A 180 5.89 -8.89 -4.18
CA ARG A 180 6.59 -9.63 -3.14
CA ARG A 180 6.58 -9.63 -3.13
C ARG A 180 7.25 -8.69 -2.14
C ARG A 180 7.27 -8.69 -2.13
N ALA A 181 8.00 -7.70 -2.63
CA ALA A 181 8.69 -6.78 -1.72
C ALA A 181 7.70 -5.98 -0.87
N VAL A 182 6.58 -5.57 -1.47
CA VAL A 182 5.54 -4.86 -0.72
C VAL A 182 5.02 -5.74 0.41
N THR A 183 4.72 -7.01 0.11
CA THR A 183 4.21 -7.91 1.13
C THR A 183 5.26 -8.17 2.20
N GLU A 184 6.51 -8.39 1.80
CA GLU A 184 7.57 -8.66 2.77
C GLU A 184 7.78 -7.48 3.70
N SER A 185 7.77 -6.26 3.14
CA SER A 185 7.96 -5.08 3.98
C SER A 185 6.74 -4.83 4.86
N LEU A 186 5.54 -5.03 4.32
CA LEU A 186 4.34 -4.88 5.12
C LEU A 186 4.32 -5.86 6.28
N GLN A 187 4.76 -7.10 6.05
N GLN A 187 4.74 -7.10 6.04
CA GLN A 187 4.79 -8.08 7.14
CA GLN A 187 4.81 -8.08 7.12
C GLN A 187 5.79 -7.68 8.22
C GLN A 187 5.75 -7.60 8.22
N LYS A 188 6.95 -7.14 7.84
CA LYS A 188 7.93 -6.72 8.83
C LYS A 188 7.40 -5.58 9.67
N LEU A 189 6.65 -4.67 9.06
CA LEU A 189 6.20 -3.46 9.75
C LEU A 189 4.98 -3.70 10.62
N THR A 190 4.07 -4.60 10.22
CA THR A 190 2.83 -4.82 10.94
C THR A 190 2.88 -6.02 11.88
N LEU A 191 3.68 -7.03 11.57
CA LEU A 191 3.73 -8.26 12.36
C LEU A 191 5.12 -8.59 12.89
N GLY A 192 6.17 -8.12 12.22
CA GLY A 192 7.54 -8.38 12.61
C GLY A 192 8.08 -7.36 13.57
N SER A 193 9.40 -7.17 13.54
CA SER A 193 10.10 -6.36 14.52
C SER A 193 10.65 -5.06 13.95
N ALA A 194 10.22 -4.65 12.76
CA ALA A 194 10.76 -3.43 12.16
C ALA A 194 10.36 -2.18 12.94
N LEU A 195 9.19 -2.20 13.57
CA LEU A 195 8.75 -1.13 14.45
C LEU A 195 8.67 -1.64 15.89
N ALA A 196 8.85 -0.73 16.84
CA ALA A 196 8.59 -1.06 18.22
C ALA A 196 7.10 -1.36 18.41
N ALA A 197 6.79 -2.13 19.46
CA ALA A 197 5.42 -2.62 19.65
C ALA A 197 4.35 -1.55 19.64
N PRO A 198 4.48 -0.43 20.36
CA PRO A 198 3.44 0.61 20.27
C PRO A 198 3.30 1.21 18.88
N GLN A 199 4.42 1.50 18.22
CA GLN A 199 4.36 2.05 16.86
C GLN A 199 3.77 1.06 15.87
N ARG A 200 4.12 -0.22 16.04
CA ARG A 200 3.54 -1.26 15.19
C ARG A 200 2.02 -1.26 15.29
N GLN A 201 1.49 -1.21 16.52
CA GLN A 201 0.03 -1.23 16.69
C GLN A 201 -0.61 0.02 16.09
N GLN A 202 0.05 1.17 16.23
CA GLN A 202 -0.48 2.39 15.61
C GLN A 202 -0.54 2.26 14.10
N PHE A 203 0.48 1.66 13.49
CA PHE A 203 0.46 1.44 12.05
C PHE A 203 -0.69 0.54 11.66
N VAL A 204 -0.86 -0.57 12.37
CA VAL A 204 -1.99 -1.47 12.13
C VAL A 204 -3.31 -0.73 12.26
N ASP A 205 -3.43 0.10 13.30
CA ASP A 205 -4.70 0.78 13.54
C ASP A 205 -5.01 1.77 12.42
N TRP A 206 -4.00 2.46 11.91
CA TRP A 206 -4.21 3.36 10.79
C TRP A 206 -4.68 2.59 9.56
N LEU A 207 -4.00 1.47 9.24
CA LEU A 207 -4.43 0.63 8.13
C LEU A 207 -5.85 0.12 8.33
N LYS A 208 -6.18 -0.29 9.56
CA LYS A 208 -7.52 -0.82 9.83
C LYS A 208 -8.59 0.24 9.57
N GLY A 209 -8.29 1.50 9.86
CA GLY A 209 -9.21 2.59 9.66
C GLY A 209 -9.23 3.19 8.28
N ASN A 210 -8.53 2.58 7.30
CA ASN A 210 -8.57 3.12 5.96
C ASN A 210 -9.99 3.18 5.43
N THR A 211 -10.32 4.27 4.73
CA THR A 211 -11.65 4.48 4.18
C THR A 211 -11.71 4.30 2.67
N THR A 212 -10.58 4.11 1.99
CA THR A 212 -10.53 4.16 0.54
C THR A 212 -10.50 2.78 -0.12
N GLY A 213 -10.55 1.71 0.66
CA GLY A 213 -10.34 0.40 0.08
C GLY A 213 -11.51 -0.57 0.20
N ASN A 214 -12.73 -0.06 0.37
CA ASN A 214 -13.87 -0.95 0.60
C ASN A 214 -14.16 -1.86 -0.58
N HIS A 215 -13.74 -1.49 -1.79
CA HIS A 215 -14.04 -2.27 -2.98
C HIS A 215 -12.86 -3.06 -3.48
N ARG A 216 -11.78 -3.14 -2.69
CA ARG A 216 -10.59 -3.85 -3.14
C ARG A 216 -10.40 -5.11 -2.31
N ILE A 217 -9.26 -5.27 -1.63
CA ILE A 217 -9.03 -6.49 -0.86
C ILE A 217 -10.16 -6.72 0.16
N ARG A 218 -10.64 -5.66 0.81
CA ARG A 218 -11.72 -5.79 1.79
C ARG A 218 -12.98 -6.43 1.21
N ALA A 219 -13.26 -6.19 -0.07
CA ALA A 219 -14.42 -6.84 -0.69
C ALA A 219 -14.29 -8.35 -0.75
N ALA A 220 -13.08 -8.89 -0.53
CA ALA A 220 -12.83 -10.31 -0.55
C ALA A 220 -12.77 -10.93 0.84
N VAL A 221 -12.90 -10.12 1.89
CA VAL A 221 -12.63 -10.55 3.27
C VAL A 221 -13.94 -10.65 4.03
N PRO A 222 -14.22 -11.77 4.69
CA PRO A 222 -15.46 -11.88 5.49
C PRO A 222 -15.53 -10.84 6.59
N ALA A 223 -16.77 -10.49 6.95
CA ALA A 223 -17.01 -9.37 7.87
C ALA A 223 -16.44 -9.63 9.26
N ASP A 224 -16.27 -10.89 9.64
CA ASP A 224 -15.77 -11.22 10.97
C ASP A 224 -14.24 -11.32 11.02
N TRP A 225 -13.55 -10.99 9.93
CA TRP A 225 -12.09 -10.95 9.92
C TRP A 225 -11.63 -9.50 9.96
N ALA A 226 -10.61 -9.23 10.77
CA ALA A 226 -10.01 -7.90 10.79
C ALA A 226 -9.13 -7.70 9.57
N VAL A 227 -9.07 -6.46 9.10
CA VAL A 227 -8.28 -6.16 7.90
C VAL A 227 -7.84 -4.71 7.95
N GLY A 228 -6.58 -4.48 7.62
CA GLY A 228 -6.07 -3.14 7.36
C GLY A 228 -5.44 -3.12 5.99
N ASP A 229 -5.61 -2.00 5.28
CA ASP A 229 -5.13 -1.93 3.90
C ASP A 229 -4.67 -0.51 3.57
N LYS A 230 -3.90 -0.41 2.49
CA LYS A 230 -3.61 0.87 1.86
C LYS A 230 -3.73 0.72 0.35
N THR A 231 -4.53 1.59 -0.27
CA THR A 231 -4.78 1.59 -1.69
C THR A 231 -3.80 2.50 -2.44
N GLY A 232 -3.80 2.33 -3.77
CA GLY A 232 -3.14 3.27 -4.67
C GLY A 232 -3.86 3.31 -6.00
N THR A 233 -4.04 4.50 -6.58
CA THR A 233 -4.72 4.63 -7.88
C THR A 233 -3.99 5.67 -8.70
N CYS A 234 -3.28 5.24 -9.75
CA CYS A 234 -2.52 6.19 -10.55
C CYS A 234 -3.37 6.96 -11.55
N GLY A 235 -4.50 6.39 -11.99
CA GLY A 235 -5.39 7.11 -12.87
C GLY A 235 -5.07 6.99 -14.35
N VAL A 236 -4.03 6.23 -14.70
CA VAL A 236 -3.65 5.99 -16.09
C VAL A 236 -3.10 4.59 -16.17
N TYR A 237 -3.02 4.05 -17.39
CA TYR A 237 -2.36 2.78 -17.65
C TYR A 237 -2.95 1.65 -16.79
N GLY A 238 -4.27 1.71 -16.57
CA GLY A 238 -4.96 0.69 -15.79
C GLY A 238 -4.29 0.36 -14.48
N THR A 239 -3.66 1.36 -13.86
CA THR A 239 -2.73 1.12 -12.75
C THR A 239 -3.38 1.47 -11.41
N ALA A 240 -3.55 0.45 -10.57
CA ALA A 240 -4.13 0.63 -9.24
C ALA A 240 -3.73 -0.59 -8.41
N ASN A 241 -3.91 -0.47 -7.10
CA ASN A 241 -3.37 -1.51 -6.23
C ASN A 241 -3.96 -1.39 -4.84
N ASP A 242 -3.63 -2.38 -4.02
CA ASP A 242 -4.02 -2.42 -2.63
C ASP A 242 -3.12 -3.44 -1.97
N TYR A 243 -2.69 -3.17 -0.75
CA TYR A 243 -2.04 -4.18 0.06
C TYR A 243 -2.73 -4.24 1.41
N ALA A 244 -2.65 -5.40 2.06
CA ALA A 244 -3.44 -5.57 3.26
C ALA A 244 -2.81 -6.61 4.18
N VAL A 245 -3.11 -6.46 5.47
CA VAL A 245 -2.97 -7.55 6.42
C VAL A 245 -4.38 -7.98 6.80
N VAL A 246 -4.63 -9.28 6.78
CA VAL A 246 -5.94 -9.86 7.04
C VAL A 246 -5.77 -10.81 8.21
N TRP A 247 -6.65 -10.69 9.21
CA TRP A 247 -6.62 -11.58 10.37
C TRP A 247 -7.86 -12.47 10.31
N PRO A 248 -7.79 -13.64 9.66
CA PRO A 248 -8.94 -14.55 9.72
C PRO A 248 -9.06 -15.06 11.13
N THR A 249 -10.27 -15.46 11.50
CA THR A 249 -10.46 -16.01 12.84
C THR A 249 -9.88 -17.41 12.89
N GLY A 250 -9.26 -17.75 14.02
CA GLY A 250 -8.79 -19.10 14.23
C GLY A 250 -7.54 -19.51 13.47
N ARG A 251 -6.85 -18.57 12.82
CA ARG A 251 -5.61 -18.91 12.14
C ARG A 251 -4.72 -17.68 12.06
N ALA A 252 -3.48 -17.88 11.65
CA ALA A 252 -2.51 -16.81 11.62
C ALA A 252 -2.87 -15.79 10.53
N PRO A 253 -2.39 -14.56 10.66
CA PRO A 253 -2.71 -13.53 9.67
C PRO A 253 -2.11 -13.82 8.30
N ILE A 254 -2.73 -13.23 7.29
CA ILE A 254 -2.29 -13.30 5.90
C ILE A 254 -1.87 -11.89 5.50
N VAL A 255 -0.74 -11.78 4.81
CA VAL A 255 -0.29 -10.52 4.24
C VAL A 255 -0.32 -10.67 2.73
N LEU A 256 -0.87 -9.67 2.02
CA LEU A 256 -0.96 -9.81 0.58
C LEU A 256 -0.91 -8.43 -0.09
N ALA A 257 -0.45 -8.44 -1.34
CA ALA A 257 -0.37 -7.26 -2.17
C ALA A 257 -0.93 -7.60 -3.54
N VAL A 258 -1.75 -6.70 -4.08
CA VAL A 258 -2.39 -6.88 -5.38
C VAL A 258 -2.16 -5.60 -6.17
N TYR A 259 -1.41 -5.69 -7.26
CA TYR A 259 -1.05 -4.55 -8.09
C TYR A 259 -1.51 -4.82 -9.52
N THR A 260 -1.95 -3.77 -10.22
CA THR A 260 -2.31 -3.92 -11.63
C THR A 260 -1.68 -2.82 -12.46
N ARG A 261 -1.52 -3.12 -13.75
N ARG A 261 -1.56 -3.10 -13.76
CA ARG A 261 -1.21 -2.13 -14.76
CA ARG A 261 -1.19 -2.12 -14.76
C ARG A 261 -1.77 -2.62 -16.08
C ARG A 261 -1.53 -2.68 -16.13
N ALA A 262 -1.66 -1.80 -17.12
CA ALA A 262 -2.18 -2.13 -18.43
C ALA A 262 -1.39 -1.37 -19.48
N PRO A 263 -1.43 -1.81 -20.74
CA PRO A 263 -0.50 -1.26 -21.73
C PRO A 263 -0.82 0.15 -22.22
N ASN A 264 -2.08 0.58 -22.23
CA ASN A 264 -2.45 1.84 -22.86
C ASN A 264 -2.76 2.90 -21.81
N LYS A 265 -2.39 4.15 -22.10
CA LYS A 265 -2.58 5.21 -21.10
C LYS A 265 -4.03 5.32 -20.68
N ASP A 266 -4.95 5.16 -21.63
N ASP A 266 -4.97 5.20 -21.62
CA ASP A 266 -6.38 5.34 -21.39
CA ASP A 266 -6.38 5.38 -21.29
C ASP A 266 -7.05 4.13 -20.78
C ASP A 266 -7.08 4.09 -20.89
N ASP A 267 -6.34 3.02 -20.62
CA ASP A 267 -6.93 1.85 -19.96
C ASP A 267 -7.32 2.21 -18.54
N LYS A 268 -8.50 1.78 -18.12
CA LYS A 268 -8.99 2.09 -16.79
C LYS A 268 -8.64 0.97 -15.82
N HIS A 269 -8.33 1.35 -14.59
CA HIS A 269 -8.16 0.34 -13.55
C HIS A 269 -9.53 -0.26 -13.20
N SER A 270 -9.48 -1.34 -12.42
CA SER A 270 -10.70 -2.03 -12.02
C SER A 270 -10.58 -2.45 -10.56
N GLU A 271 -11.43 -1.89 -9.71
CA GLU A 271 -11.47 -2.35 -8.32
C GLU A 271 -11.95 -3.79 -8.23
N ALA A 272 -12.93 -4.16 -9.06
CA ALA A 272 -13.45 -5.53 -9.03
C ALA A 272 -12.35 -6.55 -9.35
N VAL A 273 -11.44 -6.18 -10.25
CA VAL A 273 -10.35 -7.10 -10.58
C VAL A 273 -9.41 -7.26 -9.38
N ILE A 274 -9.13 -6.17 -8.67
CA ILE A 274 -8.30 -6.26 -7.48
C ILE A 274 -8.96 -7.17 -6.44
N ALA A 275 -10.27 -6.98 -6.21
CA ALA A 275 -11.00 -7.84 -5.28
C ALA A 275 -10.96 -9.30 -5.73
N ALA A 276 -11.13 -9.54 -7.04
CA ALA A 276 -11.14 -10.92 -7.53
C ALA A 276 -9.78 -11.57 -7.38
N ALA A 277 -8.71 -10.81 -7.61
CA ALA A 277 -7.36 -11.32 -7.42
C ALA A 277 -7.10 -11.65 -5.96
N ALA A 278 -7.56 -10.80 -5.04
CA ALA A 278 -7.45 -11.10 -3.62
C ALA A 278 -8.19 -12.39 -3.26
N ARG A 279 -9.40 -12.56 -3.80
CA ARG A 279 -10.15 -13.80 -3.58
C ARG A 279 -9.34 -15.02 -4.03
N LEU A 280 -8.76 -14.95 -5.22
CA LEU A 280 -7.98 -16.07 -5.74
C LEU A 280 -6.77 -16.37 -4.85
N ALA A 281 -6.11 -15.31 -4.35
CA ALA A 281 -4.94 -15.51 -3.51
C ALA A 281 -5.33 -16.20 -2.21
N LEU A 282 -6.43 -15.75 -1.59
CA LEU A 282 -6.91 -16.38 -0.36
C LEU A 282 -7.33 -17.82 -0.62
N GLU A 283 -8.01 -18.07 -1.73
CA GLU A 283 -8.40 -19.43 -2.07
C GLU A 283 -7.18 -20.30 -2.31
N GLY A 284 -6.13 -19.74 -2.93
CA GLY A 284 -4.92 -20.50 -3.15
C GLY A 284 -4.24 -20.89 -1.84
N LEU A 285 -4.26 -19.99 -0.85
CA LEU A 285 -3.71 -20.30 0.45
C LEU A 285 -4.59 -21.25 1.25
N GLY A 286 -5.79 -21.57 0.76
CA GLY A 286 -6.67 -22.46 1.50
C GLY A 286 -7.48 -21.78 2.57
N VAL A 287 -7.45 -20.45 2.64
CA VAL A 287 -8.20 -19.69 3.63
C VAL A 287 -9.65 -19.60 3.15
N ASN A 288 -10.54 -20.34 3.82
CA ASN A 288 -11.95 -20.36 3.45
C ASN A 288 -12.57 -18.98 3.64
N GLY A 289 -12.84 -18.30 2.52
CA GLY A 289 -13.41 -16.96 2.56
C GLY A 289 -14.82 -16.88 2.05
C01 FUJ B . -5.76 13.19 -7.48
C03 FUJ B . -6.73 11.05 -7.04
C04 FUJ B . -6.13 10.81 -5.85
C05 FUJ B . -6.44 9.64 -5.15
C13 FUJ B . -8.66 6.85 -5.64
C17 FUJ B . -7.93 9.02 -6.90
C18 FUJ B . -7.61 10.16 -7.53
C06 FUJ B . -7.37 8.76 -5.70
C07 FUJ B . -7.71 7.62 -5.03
C08 FUJ B . -7.18 7.33 -3.67
C14 FUJ B . -9.15 7.17 -6.85
O02 FUJ B . -6.59 12.21 -7.88
O10 FUJ B . -5.43 5.69 -2.66
O11 FUJ B . -4.80 6.48 -4.67
O12 FUJ B . -6.59 4.71 -4.38
O15 FUJ B . -9.94 6.54 -7.37
O16 FUJ B . -8.79 8.26 -7.46
P09 FUJ B . -5.93 5.92 -3.80
C1 GOL C . -3.13 -6.91 15.64
O1 GOL C . -2.45 -5.98 16.49
C2 GOL C . -4.64 -6.76 15.81
O2 GOL C . -4.98 -5.37 15.86
C3 GOL C . -5.36 -7.43 14.65
O3 GOL C . -6.78 -7.26 14.82
#